data_2AR8
#
_entry.id   2AR8
#
_cell.length_a   67.128
_cell.length_b   67.128
_cell.length_c   275.702
_cell.angle_alpha   90.00
_cell.angle_beta   90.00
_cell.angle_gamma   90.00
#
_symmetry.space_group_name_H-M   'P 43 21 2'
#
loop_
_entity.id
_entity.type
_entity.pdbx_description
1 polymer 'tryptophan halogenase PrnA'
2 non-polymer 'CHLORIDE ION'
3 non-polymer 7-CHLOROTRYPTOPHAN
4 non-polymer 'FLAVIN-ADENINE DINUCLEOTIDE'
5 water water
#
_entity_poly.entity_id   1
_entity_poly.type   'polypeptide(L)'
_entity_poly.pdbx_seq_one_letter_code
;MNKPIKNIVIVGGGTAGWMAASYLVRALQQQANITLIESAAIPRIGVGEATIPSLQKVFFDFLGIPEREWMPQVNGAFKA
AIKFVNWRKSPDPSRDDHFYHLFGNVPNCDGVPLTHYWLRKREQGFQQPMEYACYPQPGALDGKLAPCLSDGTRQMSHAW
HFDAHLVADFLKRWAVERGVNRVVDEVVDVRLNNRGYISNLLTKEGRTLEADLFIDCSGMRGLLINQALKEPFIDMSDYL
LCDSAVASAVPNDDARDGVEPYTSSIAMNSGWTWKIPMLGRFGSGYVFSSHFTSRDQATADFLKLWGLSDNQPLNQIKFR
VGRNKRAWVNNCVSIGLSSCFLEPLESTGIYFIYAALYQLVKHFPDTSFDPRLSDAFNAEIVHMFDDCRDFVQAHYFTTS
RDDTPFWLANRHDLRLSDAIKEKVQRYKAGLPLTTTSFDDSTYYETFDYEFKNFWLNGNYYCIFAGLGMLPDRSLPLLQH
RPESIEKAEAMFASIRREAERLRTSLPTNYDYLRSLRDGDAGLSRGQRGPKLAAQESL
;
_entity_poly.pdbx_strand_id   A
#
loop_
_chem_comp.id
_chem_comp.type
_chem_comp.name
_chem_comp.formula
CL non-polymer 'CHLORIDE ION' 'Cl -1'
FAD non-polymer 'FLAVIN-ADENINE DINUCLEOTIDE' 'C27 H33 N9 O15 P2'
#
# COMPACT_ATOMS: atom_id res chain seq x y z
N ASN A 2 14.42 33.30 12.01
CA ASN A 2 14.03 32.15 12.89
C ASN A 2 15.13 31.10 12.96
N LYS A 3 15.33 30.54 14.14
CA LYS A 3 16.31 29.49 14.32
C LYS A 3 15.80 28.22 13.63
N PRO A 4 16.68 27.53 12.90
CA PRO A 4 16.30 26.25 12.27
C PRO A 4 16.02 25.15 13.31
N ILE A 5 15.30 24.12 12.90
CA ILE A 5 15.19 22.89 13.71
C ILE A 5 16.61 22.30 13.86
N LYS A 6 17.08 22.13 15.09
CA LYS A 6 18.38 21.50 15.32
C LYS A 6 18.28 20.09 15.91
N ASN A 7 17.42 19.93 16.92
CA ASN A 7 17.21 18.63 17.56
C ASN A 7 15.86 18.02 17.25
N ILE A 8 15.91 16.75 16.85
CA ILE A 8 14.72 16.04 16.43
C ILE A 8 14.71 14.77 17.22
N VAL A 9 13.59 14.47 17.84
CA VAL A 9 13.45 13.19 18.53
C VAL A 9 12.37 12.38 17.84
N ILE A 10 12.71 11.14 17.48
CA ILE A 10 11.75 10.23 16.93
C ILE A 10 11.42 9.16 17.96
N VAL A 11 10.12 8.96 18.19
CA VAL A 11 9.69 7.96 19.15
C VAL A 11 9.15 6.78 18.37
N GLY A 12 9.88 5.67 18.42
CA GLY A 12 9.43 4.46 17.76
C GLY A 12 10.49 3.95 16.84
N GLY A 13 10.68 2.63 16.87
CA GLY A 13 11.70 1.96 16.04
C GLY A 13 11.10 0.94 15.11
N GLY A 14 9.87 1.18 14.67
CA GLY A 14 9.27 0.29 13.67
C GLY A 14 9.69 0.77 12.29
N THR A 15 9.07 0.19 11.26
CA THR A 15 9.29 0.70 9.92
C THR A 15 9.20 2.23 9.90
N ALA A 16 8.23 2.79 10.63
CA ALA A 16 7.96 4.23 10.50
C ALA A 16 9.11 5.05 11.07
N GLY A 17 9.51 4.70 12.28
CA GLY A 17 10.61 5.37 12.98
C GLY A 17 11.93 5.36 12.23
N TRP A 18 12.32 4.19 11.77
CA TRP A 18 13.55 4.05 11.01
C TRP A 18 13.49 4.63 9.57
N MET A 19 12.32 4.63 8.96
CA MET A 19 12.15 5.41 7.73
C MET A 19 12.29 6.92 8.04
N ALA A 20 11.65 7.37 9.12
CA ALA A 20 11.75 8.76 9.48
C ALA A 20 13.22 9.16 9.71
N ALA A 21 13.94 8.36 10.49
CA ALA A 21 15.33 8.65 10.85
C ALA A 21 16.21 8.74 9.61
N SER A 22 16.11 7.72 8.76
CA SER A 22 16.97 7.65 7.61
C SER A 22 16.60 8.74 6.57
N TYR A 23 15.30 8.94 6.33
CA TYR A 23 14.85 10.02 5.41
C TYR A 23 15.33 11.41 5.90
N LEU A 24 15.17 11.68 7.19
CA LEU A 24 15.56 12.98 7.74
C LEU A 24 17.06 13.20 7.80
N VAL A 25 17.81 12.16 8.11
CA VAL A 25 19.25 12.29 8.08
C VAL A 25 19.72 12.58 6.66
N ARG A 26 19.07 11.97 5.66
CA ARG A 26 19.40 12.24 4.27
C ARG A 26 18.99 13.65 3.83
N ALA A 27 17.75 14.03 4.15
CA ALA A 27 17.17 15.30 3.74
C ALA A 27 17.88 16.51 4.39
N LEU A 28 18.21 16.37 5.66
CA LEU A 28 18.75 17.50 6.40
C LEU A 28 20.27 17.46 6.41
N GLN A 29 20.85 17.24 5.24
CA GLN A 29 22.28 17.41 4.99
C GLN A 29 23.13 18.06 6.11
N GLN A 30 22.75 19.25 6.56
CA GLN A 30 23.44 19.95 7.68
C GLN A 30 22.46 20.40 8.77
N GLN A 31 23.02 20.80 9.91
CA GLN A 31 22.27 21.24 11.11
C GLN A 31 21.07 20.32 11.36
N ALA A 32 21.34 19.10 11.83
CA ALA A 32 20.29 18.23 12.38
C ALA A 32 20.90 17.20 13.31
N ASN A 33 20.48 17.23 14.57
CA ASN A 33 20.80 16.17 15.49
C ASN A 33 19.57 15.32 15.76
N ILE A 34 19.64 14.07 15.35
CA ILE A 34 18.48 13.18 15.34
C ILE A 34 18.68 12.06 16.34
N THR A 35 17.69 11.87 17.20
CA THR A 35 17.70 10.81 18.21
C THR A 35 16.41 10.01 18.05
N LEU A 36 16.56 8.69 18.02
CA LEU A 36 15.41 7.80 17.98
C LEU A 36 15.37 7.01 19.25
N ILE A 37 14.21 7.06 19.90
CA ILE A 37 13.99 6.25 21.10
C ILE A 37 13.01 5.12 20.80
N GLU A 38 13.38 3.91 21.18
CA GLU A 38 12.52 2.78 20.92
C GLU A 38 12.55 1.80 22.08
N SER A 39 11.40 1.28 22.46
CA SER A 39 11.29 0.36 23.59
C SER A 39 11.68 -1.05 23.18
N ALA A 40 12.43 -1.72 24.05
CA ALA A 40 12.83 -3.10 23.78
C ALA A 40 11.67 -4.03 24.13
N ALA A 41 10.67 -3.49 24.85
CA ALA A 41 9.56 -4.26 25.41
C ALA A 41 8.27 -4.13 24.62
N ILE A 42 8.25 -3.22 23.65
CA ILE A 42 7.08 -3.00 22.83
C ILE A 42 7.42 -3.47 21.41
N PRO A 43 6.75 -4.53 20.93
CA PRO A 43 7.00 -5.12 19.62
C PRO A 43 6.76 -4.13 18.48
N ARG A 44 7.38 -4.39 17.34
CA ARG A 44 7.14 -3.60 16.15
C ARG A 44 6.10 -4.36 15.38
N ILE A 45 5.38 -3.70 14.49
CA ILE A 45 4.49 -4.39 13.56
C ILE A 45 5.23 -4.76 12.25
N GLY A 46 5.29 -6.05 11.94
CA GLY A 46 5.94 -6.55 10.74
C GLY A 46 5.33 -7.90 10.48
N VAL A 47 4.42 -7.95 9.51
CA VAL A 47 3.63 -9.17 9.24
C VAL A 47 4.07 -9.93 7.95
N GLY A 48 4.97 -9.32 7.18
CA GLY A 48 5.33 -9.77 5.82
C GLY A 48 4.54 -8.75 5.01
N GLU A 49 5.22 -7.83 4.36
CA GLU A 49 4.55 -6.62 3.88
C GLU A 49 4.69 -6.50 2.33
N ALA A 50 3.61 -6.03 1.71
CA ALA A 50 3.56 -5.82 0.25
C ALA A 50 3.67 -4.33 -0.03
N THR A 51 4.37 -3.96 -1.11
CA THR A 51 4.72 -2.56 -1.31
C THR A 51 4.43 -2.12 -2.72
N ILE A 52 4.69 -0.86 -3.03
CA ILE A 52 4.40 -0.32 -4.34
C ILE A 52 5.68 0.35 -4.90
N PRO A 53 5.74 0.56 -6.24
CA PRO A 53 6.98 1.00 -6.88
C PRO A 53 7.58 2.30 -6.34
N SER A 54 6.74 3.24 -5.89
CA SER A 54 7.25 4.45 -5.24
C SER A 54 8.18 4.21 -4.05
N LEU A 55 8.17 3.01 -3.44
CA LEU A 55 9.10 2.73 -2.33
C LEU A 55 10.54 2.93 -2.80
N GLN A 56 10.85 2.42 -3.99
CA GLN A 56 12.17 2.66 -4.55
C GLN A 56 12.38 4.12 -4.99
N LYS A 57 11.42 4.64 -5.73
CA LYS A 57 11.58 5.94 -6.39
C LYS A 57 11.54 7.10 -5.40
N VAL A 58 10.71 6.99 -4.36
CA VAL A 58 10.58 8.10 -3.40
C VAL A 58 11.45 7.89 -2.19
N PHE A 59 11.50 6.65 -1.71
CA PHE A 59 12.25 6.39 -0.49
C PHE A 59 13.71 5.98 -0.74
N PHE A 60 13.93 4.78 -1.28
CA PHE A 60 15.29 4.25 -1.37
C PHE A 60 16.16 5.02 -2.35
N ASP A 61 15.59 5.53 -3.45
CA ASP A 61 16.40 6.37 -4.34
C ASP A 61 16.86 7.62 -3.62
N PHE A 62 15.93 8.24 -2.88
CA PHE A 62 16.27 9.42 -2.10
C PHE A 62 17.49 9.15 -1.20
N LEU A 63 17.51 7.98 -0.55
CA LEU A 63 18.63 7.59 0.32
C LEU A 63 19.88 7.21 -0.46
N GLY A 64 19.69 6.95 -1.75
CA GLY A 64 20.77 6.49 -2.63
C GLY A 64 21.05 5.01 -2.52
N ILE A 65 20.02 4.22 -2.23
CA ILE A 65 20.19 2.79 -2.06
C ILE A 65 19.48 2.09 -3.23
N PRO A 66 20.25 1.45 -4.13
CA PRO A 66 19.55 0.77 -5.23
C PRO A 66 18.85 -0.49 -4.72
N GLU A 67 17.81 -0.88 -5.43
CA GLU A 67 17.03 -2.08 -5.16
C GLU A 67 17.92 -3.29 -4.88
N ARG A 68 18.91 -3.50 -5.75
CA ARG A 68 19.78 -4.67 -5.66
C ARG A 68 20.58 -4.71 -4.35
N GLU A 69 20.66 -3.57 -3.66
CA GLU A 69 21.39 -3.48 -2.41
C GLU A 69 20.52 -3.81 -1.18
N TRP A 70 19.33 -3.25 -1.10
CA TRP A 70 18.52 -3.43 0.09
C TRP A 70 17.73 -4.71 0.01
N MET A 71 17.36 -5.11 -1.20
CA MET A 71 16.38 -6.16 -1.40
C MET A 71 16.77 -7.54 -0.86
N PRO A 72 18.03 -8.00 -1.10
CA PRO A 72 18.47 -9.27 -0.51
C PRO A 72 18.69 -9.21 0.98
N GLN A 73 19.00 -8.02 1.49
CA GLN A 73 19.23 -7.84 2.90
C GLN A 73 17.93 -7.89 3.69
N VAL A 74 16.80 -7.75 3.01
CA VAL A 74 15.51 -7.91 3.66
C VAL A 74 14.77 -9.15 3.12
N ASN A 75 15.51 -10.05 2.48
CA ASN A 75 14.95 -11.27 1.89
C ASN A 75 13.73 -10.94 1.01
N GLY A 76 13.89 -9.91 0.19
CA GLY A 76 12.79 -9.38 -0.57
C GLY A 76 12.44 -10.29 -1.72
N ALA A 77 11.18 -10.21 -2.15
CA ALA A 77 10.71 -10.92 -3.34
C ALA A 77 9.89 -9.91 -4.14
N PHE A 78 9.49 -10.28 -5.35
CA PHE A 78 8.92 -9.32 -6.29
C PHE A 78 7.42 -9.35 -6.27
N LYS A 79 6.83 -8.18 -6.47
CA LYS A 79 5.40 -8.06 -6.53
C LYS A 79 5.06 -7.28 -7.81
N ALA A 80 4.30 -7.89 -8.71
CA ALA A 80 3.93 -7.21 -9.92
C ALA A 80 2.46 -6.83 -9.95
N ALA A 81 1.69 -7.21 -8.92
CA ALA A 81 0.24 -6.98 -8.91
C ALA A 81 -0.33 -7.39 -7.58
N ILE A 82 -1.61 -7.13 -7.40
CA ILE A 82 -2.41 -7.84 -6.43
C ILE A 82 -3.37 -8.67 -7.25
N LYS A 83 -3.50 -9.94 -6.90
CA LYS A 83 -4.48 -10.81 -7.52
C LYS A 83 -5.66 -11.03 -6.57
N PHE A 84 -6.85 -10.65 -7.00
CA PHE A 84 -8.08 -10.81 -6.20
C PHE A 84 -8.76 -12.10 -6.56
N VAL A 85 -9.00 -12.92 -5.55
CA VAL A 85 -9.59 -14.26 -5.70
C VAL A 85 -10.88 -14.33 -4.92
N ASN A 86 -11.92 -14.83 -5.58
CA ASN A 86 -13.27 -15.02 -5.01
C ASN A 86 -14.01 -13.75 -4.61
N TRP A 87 -13.60 -12.63 -5.22
CA TRP A 87 -14.24 -11.35 -4.95
C TRP A 87 -15.50 -11.09 -5.82
N ARG A 88 -15.64 -11.86 -6.90
CA ARG A 88 -16.67 -11.60 -7.90
C ARG A 88 -18.08 -12.15 -7.61
N LYS A 89 -18.20 -13.27 -6.96
CA LYS A 89 -19.51 -13.90 -6.95
C LYS A 89 -19.46 -14.70 -5.71
N SER A 90 -20.59 -15.34 -5.40
CA SER A 90 -20.51 -16.53 -4.59
C SER A 90 -19.30 -17.25 -5.20
N PRO A 91 -18.22 -17.32 -4.40
CA PRO A 91 -17.12 -18.19 -4.72
C PRO A 91 -17.66 -19.59 -5.05
N ASP A 92 -17.04 -20.19 -6.05
CA ASP A 92 -17.36 -21.54 -6.41
C ASP A 92 -16.05 -22.28 -6.64
N PRO A 93 -15.81 -23.35 -5.86
CA PRO A 93 -14.61 -24.15 -6.00
C PRO A 93 -14.38 -24.68 -7.43
N SER A 94 -15.43 -24.72 -8.25
CA SER A 94 -15.29 -25.23 -9.61
C SER A 94 -14.94 -24.15 -10.64
N ARG A 95 -14.93 -22.89 -10.21
CA ARG A 95 -14.75 -21.75 -11.13
C ARG A 95 -13.52 -20.94 -10.76
N ASP A 96 -12.73 -20.61 -11.77
CA ASP A 96 -11.59 -19.76 -11.58
C ASP A 96 -12.09 -18.32 -11.55
N ASP A 97 -12.10 -17.73 -10.36
CA ASP A 97 -12.52 -16.35 -10.20
C ASP A 97 -11.31 -15.58 -9.65
N HIS A 98 -10.52 -15.00 -10.56
CA HIS A 98 -9.40 -14.18 -10.15
C HIS A 98 -9.32 -13.03 -11.11
N PHE A 99 -8.81 -11.92 -10.60
CA PHE A 99 -8.41 -10.86 -11.49
C PHE A 99 -7.21 -10.15 -10.88
N TYR A 100 -6.45 -9.47 -11.72
CA TYR A 100 -5.31 -8.71 -11.25
C TYR A 100 -5.56 -7.22 -11.24
N HIS A 101 -4.94 -6.60 -10.25
CA HIS A 101 -4.71 -5.19 -10.25
C HIS A 101 -3.22 -4.98 -10.52
N LEU A 102 -2.89 -4.53 -11.73
CA LEU A 102 -1.51 -4.35 -12.13
C LEU A 102 -0.98 -2.97 -11.88
N PHE A 103 0.32 -2.89 -11.66
CA PHE A 103 1.02 -1.63 -11.62
C PHE A 103 1.19 -1.14 -13.04
N GLY A 104 1.35 0.16 -13.21
CA GLY A 104 1.59 0.71 -14.52
C GLY A 104 0.32 1.22 -15.19
N ASN A 105 0.52 1.93 -16.28
CA ASN A 105 -0.51 2.63 -17.00
C ASN A 105 -1.02 1.79 -18.19
N VAL A 106 -2.30 1.92 -18.51
CA VAL A 106 -2.81 1.49 -19.78
C VAL A 106 -2.48 2.57 -20.82
N PRO A 107 -2.03 2.16 -22.00
CA PRO A 107 -1.78 3.08 -23.08
C PRO A 107 -3.07 3.75 -23.52
N ASN A 108 -2.92 4.93 -24.12
CA ASN A 108 -4.02 5.64 -24.74
C ASN A 108 -3.98 5.47 -26.24
N CYS A 109 -5.13 5.54 -26.87
CA CYS A 109 -5.20 5.46 -28.29
C CYS A 109 -6.08 6.62 -28.76
N ASP A 110 -5.45 7.61 -29.39
CA ASP A 110 -6.10 8.86 -29.81
C ASP A 110 -6.83 9.49 -28.66
N GLY A 111 -6.14 9.63 -27.54
CA GLY A 111 -6.65 10.33 -26.37
C GLY A 111 -7.61 9.54 -25.51
N VAL A 112 -7.86 8.27 -25.84
CA VAL A 112 -8.80 7.42 -25.09
C VAL A 112 -8.09 6.15 -24.57
N PRO A 113 -8.22 5.85 -23.25
CA PRO A 113 -7.52 4.66 -22.79
C PRO A 113 -8.02 3.39 -23.41
N LEU A 114 -7.11 2.43 -23.52
CA LEU A 114 -7.44 1.13 -24.07
C LEU A 114 -8.56 0.41 -23.34
N THR A 115 -8.71 0.65 -22.02
CA THR A 115 -9.87 0.12 -21.26
C THR A 115 -11.21 0.40 -21.98
N HIS A 116 -11.28 1.55 -22.65
CA HIS A 116 -12.54 2.00 -23.25
C HIS A 116 -12.77 1.36 -24.56
N TYR A 117 -11.67 1.10 -25.27
CA TYR A 117 -11.80 0.33 -26.50
C TYR A 117 -12.09 -1.12 -26.17
N TRP A 118 -11.56 -1.61 -25.06
CA TRP A 118 -11.84 -2.98 -24.60
C TRP A 118 -13.34 -3.15 -24.32
N LEU A 119 -13.96 -2.14 -23.70
CA LEU A 119 -15.38 -2.23 -23.32
C LEU A 119 -16.27 -2.25 -24.56
N ARG A 120 -15.93 -1.44 -25.54
CA ARG A 120 -16.66 -1.48 -26.78
C ARG A 120 -16.59 -2.88 -27.42
N LYS A 121 -15.42 -3.50 -27.39
CA LYS A 121 -15.26 -4.86 -27.91
C LYS A 121 -16.13 -5.83 -27.14
N ARG A 122 -16.10 -5.73 -25.81
CA ARG A 122 -16.91 -6.57 -24.96
C ARG A 122 -18.40 -6.42 -25.31
N GLU A 123 -18.83 -5.20 -25.61
CA GLU A 123 -20.21 -4.97 -26.04
C GLU A 123 -20.55 -5.78 -27.29
N GLN A 124 -19.55 -6.03 -28.12
CA GLN A 124 -19.76 -6.80 -29.34
C GLN A 124 -19.49 -8.31 -29.16
N GLY A 125 -19.42 -8.79 -27.91
CA GLY A 125 -19.19 -10.24 -27.66
C GLY A 125 -17.78 -10.73 -27.30
N PHE A 126 -16.79 -9.84 -27.36
CA PHE A 126 -15.40 -10.14 -27.00
C PHE A 126 -15.36 -10.61 -25.54
N GLN A 127 -14.64 -11.70 -25.29
CA GLN A 127 -14.71 -12.44 -24.04
C GLN A 127 -13.50 -12.26 -23.14
N GLN A 128 -12.36 -11.85 -23.66
CA GLN A 128 -11.16 -11.69 -22.84
C GLN A 128 -11.36 -10.63 -21.72
N PRO A 129 -10.96 -10.97 -20.48
CA PRO A 129 -11.07 -10.03 -19.38
C PRO A 129 -10.21 -8.79 -19.64
N MET A 130 -10.63 -7.66 -19.09
CA MET A 130 -10.02 -6.36 -19.35
C MET A 130 -8.51 -6.38 -19.18
N GLU A 131 -8.02 -6.80 -18.01
CA GLU A 131 -6.58 -6.68 -17.72
C GLU A 131 -5.74 -7.59 -18.61
N TYR A 132 -6.29 -8.72 -19.06
CA TYR A 132 -5.57 -9.55 -20.00
C TYR A 132 -5.48 -8.92 -21.38
N ALA A 133 -6.47 -8.08 -21.72
CA ALA A 133 -6.43 -7.38 -23.01
C ALA A 133 -5.53 -6.15 -22.97
N CYS A 134 -5.52 -5.44 -21.85
CA CYS A 134 -4.95 -4.09 -21.75
C CYS A 134 -3.54 -4.03 -21.16
N TYR A 135 -3.07 -5.15 -20.63
CA TYR A 135 -1.78 -5.21 -19.99
C TYR A 135 -1.07 -6.43 -20.49
N PRO A 136 0.25 -6.29 -20.69
CA PRO A 136 1.01 -7.42 -21.22
C PRO A 136 1.43 -8.52 -20.23
N GLN A 137 1.37 -8.27 -18.93
CA GLN A 137 2.03 -9.15 -17.98
C GLN A 137 1.18 -10.18 -17.21
N PRO A 138 -0.15 -10.05 -17.18
CA PRO A 138 -0.84 -10.96 -16.24
C PRO A 138 -0.67 -12.46 -16.49
N GLY A 139 -0.60 -12.87 -17.76
CA GLY A 139 -0.34 -14.24 -18.12
C GLY A 139 0.99 -14.67 -17.52
N ALA A 140 1.97 -13.76 -17.54
CA ALA A 140 3.31 -14.05 -17.02
C ALA A 140 3.23 -14.24 -15.49
N LEU A 141 2.32 -13.50 -14.85
CA LEU A 141 2.15 -13.64 -13.40
C LEU A 141 1.46 -14.97 -13.11
N ASP A 142 0.52 -15.37 -13.97
CA ASP A 142 -0.12 -16.68 -13.85
C ASP A 142 0.93 -17.77 -13.93
N GLY A 143 1.90 -17.60 -14.82
CA GLY A 143 3.03 -18.54 -14.94
C GLY A 143 4.08 -18.36 -13.85
N LYS A 144 3.82 -17.45 -12.90
CA LYS A 144 4.75 -17.22 -11.78
C LYS A 144 6.15 -16.75 -12.23
N LEU A 145 6.18 -15.91 -13.26
CA LEU A 145 7.45 -15.42 -13.82
C LEU A 145 7.92 -14.15 -13.13
N ALA A 146 9.24 -13.96 -13.16
CA ALA A 146 9.90 -12.78 -12.61
C ALA A 146 9.55 -11.54 -13.43
N PRO A 147 9.62 -10.35 -12.81
CA PRO A 147 9.35 -9.08 -13.51
C PRO A 147 10.52 -8.59 -14.36
N CYS A 148 11.61 -9.34 -14.34
CA CYS A 148 12.87 -8.98 -14.99
C CYS A 148 13.40 -10.17 -15.78
N LEU A 149 14.10 -9.91 -16.87
CA LEU A 149 14.91 -10.93 -17.53
C LEU A 149 16.02 -11.42 -16.59
N SER A 150 16.62 -12.55 -16.94
CA SER A 150 17.67 -13.13 -16.09
C SER A 150 18.85 -12.18 -15.82
N ASP A 151 19.10 -11.23 -16.72
CA ASP A 151 20.23 -10.29 -16.58
C ASP A 151 19.79 -9.03 -15.85
N GLY A 152 18.58 -9.04 -15.31
CA GLY A 152 18.09 -7.95 -14.49
C GLY A 152 17.34 -6.87 -15.23
N THR A 153 17.20 -7.01 -16.54
CA THR A 153 16.50 -6.00 -17.34
C THR A 153 15.03 -6.05 -16.97
N ARG A 154 14.50 -4.94 -16.48
CA ARG A 154 13.10 -4.89 -16.04
C ARG A 154 12.14 -5.03 -17.23
N GLN A 155 11.07 -5.77 -17.02
CA GLN A 155 10.12 -6.08 -18.11
C GLN A 155 8.71 -5.65 -17.76
N MET A 156 8.48 -5.35 -16.49
CA MET A 156 7.19 -4.82 -16.08
C MET A 156 7.39 -3.94 -14.87
N SER A 157 6.44 -3.06 -14.58
CA SER A 157 6.45 -2.33 -13.32
C SER A 157 6.23 -3.28 -12.15
N HIS A 158 6.97 -3.09 -11.07
CA HIS A 158 6.88 -4.02 -9.94
C HIS A 158 7.30 -3.36 -8.64
N ALA A 159 6.93 -4.00 -7.55
CA ALA A 159 7.40 -3.56 -6.26
C ALA A 159 7.89 -4.79 -5.50
N TRP A 160 7.71 -4.83 -4.18
CA TRP A 160 8.36 -5.85 -3.36
C TRP A 160 7.46 -6.41 -2.23
N HIS A 161 7.77 -7.66 -1.86
CA HIS A 161 7.28 -8.30 -0.64
C HIS A 161 8.48 -8.45 0.26
N PHE A 162 8.34 -8.14 1.54
CA PHE A 162 9.42 -8.43 2.50
C PHE A 162 8.94 -8.37 3.94
N ASP A 163 9.72 -8.94 4.87
CA ASP A 163 9.40 -8.80 6.31
C ASP A 163 9.83 -7.41 6.75
N ALA A 164 8.87 -6.58 7.21
CA ALA A 164 9.19 -5.21 7.62
C ALA A 164 10.16 -5.11 8.81
N HIS A 165 10.32 -6.18 9.58
CA HIS A 165 11.36 -6.23 10.63
C HIS A 165 12.76 -6.07 10.07
N LEU A 166 13.03 -6.71 8.94
CA LEU A 166 14.35 -6.67 8.34
C LEU A 166 14.61 -5.33 7.69
N VAL A 167 13.55 -4.72 7.17
CA VAL A 167 13.66 -3.37 6.64
C VAL A 167 14.02 -2.36 7.72
N ALA A 168 13.30 -2.42 8.84
CA ALA A 168 13.60 -1.58 10.00
C ALA A 168 15.05 -1.79 10.41
N ASP A 169 15.46 -3.06 10.49
CA ASP A 169 16.84 -3.45 10.83
C ASP A 169 17.87 -2.85 9.88
N PHE A 170 17.59 -2.97 8.59
CA PHE A 170 18.45 -2.45 7.56
C PHE A 170 18.62 -0.93 7.70
N LEU A 171 17.49 -0.25 7.91
CA LEU A 171 17.45 1.20 8.02
C LEU A 171 18.01 1.73 9.32
N LYS A 172 17.78 0.99 10.40
CA LYS A 172 18.45 1.25 11.68
C LYS A 172 19.95 1.26 11.47
N ARG A 173 20.49 0.20 10.86
CA ARG A 173 21.93 0.14 10.60
C ARG A 173 22.35 1.35 9.76
N TRP A 174 21.64 1.61 8.67
CA TRP A 174 21.97 2.68 7.75
C TRP A 174 21.95 4.05 8.45
N ALA A 175 20.92 4.29 9.25
CA ALA A 175 20.71 5.59 9.89
C ALA A 175 21.73 5.86 11.00
N VAL A 176 22.03 4.83 11.80
CA VAL A 176 22.99 4.96 12.89
C VAL A 176 24.41 5.23 12.35
N GLU A 177 24.79 4.54 11.27
CA GLU A 177 26.09 4.79 10.65
C GLU A 177 26.19 6.26 10.16
N ARG A 178 25.05 6.87 9.88
CA ARG A 178 25.06 8.27 9.48
C ARG A 178 24.76 9.27 10.58
N GLY A 179 24.83 8.84 11.83
CA GLY A 179 24.79 9.79 12.93
C GLY A 179 23.51 9.92 13.72
N VAL A 180 22.50 9.13 13.37
CA VAL A 180 21.30 9.05 14.19
C VAL A 180 21.66 8.44 15.54
N ASN A 181 21.30 9.15 16.61
CA ASN A 181 21.48 8.67 17.98
C ASN A 181 20.33 7.74 18.31
N ARG A 182 20.65 6.53 18.72
CA ARG A 182 19.64 5.54 19.03
C ARG A 182 19.60 5.26 20.55
N VAL A 183 18.43 5.43 21.13
CA VAL A 183 18.23 5.18 22.54
C VAL A 183 17.23 4.04 22.66
N VAL A 184 17.63 2.97 23.34
CA VAL A 184 16.73 1.86 23.65
C VAL A 184 16.21 2.07 25.08
N ASP A 185 14.93 2.44 25.16
CA ASP A 185 14.33 2.96 26.39
C ASP A 185 12.87 3.18 26.03
N GLU A 186 12.06 3.55 27.02
CA GLU A 186 10.64 3.70 26.83
C GLU A 186 10.13 5.00 27.39
N VAL A 187 9.52 5.82 26.53
CA VAL A 187 8.86 7.04 26.98
C VAL A 187 7.67 6.67 27.87
N VAL A 188 7.62 7.26 29.06
CA VAL A 188 6.51 6.98 29.99
C VAL A 188 5.65 8.21 30.20
N ASP A 189 6.27 9.38 30.10
CA ASP A 189 5.54 10.61 30.24
C ASP A 189 6.01 11.65 29.22
N VAL A 190 5.06 12.47 28.82
CA VAL A 190 5.28 13.56 27.87
C VAL A 190 4.80 14.83 28.58
N ARG A 191 5.71 15.80 28.70
CA ARG A 191 5.42 17.09 29.29
C ARG A 191 5.10 18.10 28.20
N LEU A 192 3.95 18.76 28.32
CA LEU A 192 3.60 19.86 27.43
C LEU A 192 3.75 21.17 28.16
N ASN A 193 4.16 22.22 27.44
CA ASN A 193 4.13 23.55 28.03
C ASN A 193 2.68 24.05 28.06
N ASN A 194 2.47 25.24 28.62
CA ASN A 194 1.12 25.76 28.77
C ASN A 194 0.43 26.07 27.44
N ARG A 195 1.23 26.35 26.41
CA ARG A 195 0.72 26.55 25.04
C ARG A 195 0.37 25.23 24.34
N GLY A 196 0.73 24.11 24.95
CA GLY A 196 0.42 22.80 24.39
C GLY A 196 1.49 22.20 23.50
N TYR A 197 2.66 22.82 23.48
CA TYR A 197 3.77 22.30 22.69
C TYR A 197 4.50 21.28 23.54
N ILE A 198 4.98 20.19 22.93
CA ILE A 198 5.74 19.18 23.69
C ILE A 198 7.03 19.80 24.20
N SER A 199 7.22 19.73 25.52
CA SER A 199 8.47 20.22 26.14
C SER A 199 9.56 19.15 26.19
N ASN A 200 9.22 17.95 26.64
CA ASN A 200 10.20 16.89 26.86
C ASN A 200 9.52 15.59 27.13
N LEU A 201 10.27 14.51 26.95
CA LEU A 201 9.78 13.16 27.22
C LEU A 201 10.55 12.58 28.41
N LEU A 202 9.82 11.94 29.32
CA LEU A 202 10.41 11.28 30.45
C LEU A 202 10.35 9.80 30.15
N THR A 203 11.51 9.14 30.23
CA THR A 203 11.63 7.70 29.95
C THR A 203 11.65 6.86 31.23
N LYS A 204 11.33 5.57 31.09
CA LYS A 204 11.32 4.65 32.21
C LYS A 204 12.67 4.59 32.93
N GLU A 205 13.76 4.76 32.18
CA GLU A 205 15.10 4.71 32.79
C GLU A 205 15.58 6.05 33.30
N GLY A 206 14.72 7.05 33.27
CA GLY A 206 15.02 8.34 33.91
C GLY A 206 15.58 9.44 33.03
N ARG A 207 15.68 9.18 31.72
CA ARG A 207 16.14 10.20 30.78
C ARG A 207 15.03 11.22 30.52
N THR A 208 15.46 12.46 30.32
CA THR A 208 14.58 13.52 29.85
C THR A 208 15.03 13.90 28.45
N LEU A 209 14.14 13.72 27.47
CA LEU A 209 14.49 14.09 26.07
C LEU A 209 13.82 15.37 25.66
N GLU A 210 14.61 16.26 25.08
CA GLU A 210 14.11 17.51 24.53
C GLU A 210 14.45 17.51 23.06
N ALA A 211 13.70 18.30 22.31
CA ALA A 211 13.89 18.44 20.87
C ALA A 211 13.18 19.68 20.43
N ASP A 212 13.50 20.14 19.21
CA ASP A 212 12.75 21.17 18.55
C ASP A 212 11.56 20.56 17.84
N LEU A 213 11.74 19.35 17.35
CA LEU A 213 10.71 18.67 16.60
C LEU A 213 10.63 17.24 17.04
N PHE A 214 9.39 16.76 17.21
CA PHE A 214 9.14 15.41 17.64
C PHE A 214 8.40 14.68 16.54
N ILE A 215 8.85 13.48 16.24
CA ILE A 215 8.21 12.63 15.26
C ILE A 215 7.61 11.44 16.00
N ASP A 216 6.29 11.37 16.02
CA ASP A 216 5.60 10.26 16.66
C ASP A 216 5.49 9.07 15.71
N CYS A 217 6.34 8.07 15.94
CA CYS A 217 6.29 6.79 15.25
C CYS A 217 6.03 5.66 16.26
N SER A 218 5.19 5.97 17.24
CA SER A 218 4.89 5.06 18.35
C SER A 218 3.88 3.98 18.00
N GLY A 219 3.38 3.99 16.77
CA GLY A 219 2.47 2.92 16.34
C GLY A 219 1.06 3.31 16.71
N MET A 220 0.16 2.34 16.81
CA MET A 220 -1.27 2.63 16.98
C MET A 220 -1.58 3.39 18.25
N ARG A 221 -0.74 3.29 19.26
CA ARG A 221 -1.01 4.01 20.48
C ARG A 221 -0.87 5.53 20.37
N GLY A 222 -0.21 6.03 19.31
CA GLY A 222 -0.03 7.47 19.11
C GLY A 222 0.33 8.15 20.44
N LEU A 223 1.39 7.66 21.07
CA LEU A 223 1.87 8.18 22.32
C LEU A 223 1.89 9.69 22.40
N LEU A 224 2.39 10.36 21.35
CA LEU A 224 2.54 11.80 21.41
C LEU A 224 1.31 12.50 20.85
N ILE A 225 0.93 12.14 19.63
CA ILE A 225 -0.11 12.83 18.90
C ILE A 225 -1.50 12.61 19.53
N ASN A 226 -1.78 11.37 19.94
CA ASN A 226 -3.10 11.02 20.47
C ASN A 226 -3.12 11.15 22.00
N GLN A 227 -2.19 10.47 22.67
CA GLN A 227 -2.21 10.43 24.14
C GLN A 227 -1.77 11.74 24.78
N ALA A 228 -0.65 12.30 24.34
CA ALA A 228 -0.20 13.55 24.94
C ALA A 228 -0.91 14.77 24.34
N LEU A 229 -0.98 14.88 23.02
CA LEU A 229 -1.57 16.09 22.43
C LEU A 229 -3.08 16.01 22.28
N LYS A 230 -3.65 14.84 22.55
CA LYS A 230 -5.08 14.60 22.47
C LYS A 230 -5.69 14.95 21.11
N GLU A 231 -4.92 14.75 20.04
CA GLU A 231 -5.50 14.95 18.71
C GLU A 231 -6.56 13.86 18.51
N PRO A 232 -7.79 14.27 18.11
CA PRO A 232 -8.85 13.28 17.88
C PRO A 232 -8.49 12.36 16.71
N PHE A 233 -8.83 11.08 16.87
CA PHE A 233 -8.66 10.13 15.81
C PHE A 233 -10.03 9.97 15.15
N ILE A 234 -10.07 10.12 13.83
CA ILE A 234 -11.35 10.00 13.15
C ILE A 234 -11.52 8.52 12.83
N ASP A 235 -12.37 7.89 13.63
CA ASP A 235 -12.74 6.50 13.44
C ASP A 235 -13.54 6.40 12.14
N MET A 236 -13.13 5.53 11.23
CA MET A 236 -13.84 5.41 9.94
C MET A 236 -14.53 4.06 9.72
N SER A 237 -14.97 3.44 10.81
CA SER A 237 -15.65 2.19 10.71
C SER A 237 -17.05 2.32 10.09
N ASP A 238 -17.52 3.54 9.88
CA ASP A 238 -18.69 3.73 9.02
C ASP A 238 -18.37 3.61 7.51
N TYR A 239 -17.08 3.68 7.17
CA TYR A 239 -16.65 3.56 5.77
C TYR A 239 -16.21 2.14 5.45
N LEU A 240 -15.51 1.52 6.40
CA LEU A 240 -14.89 0.22 6.15
C LEU A 240 -15.11 -0.63 7.39
N LEU A 241 -15.52 -1.87 7.17
CA LEU A 241 -16.04 -2.71 8.22
C LEU A 241 -14.99 -3.51 8.98
N CYS A 242 -13.85 -3.78 8.36
CA CYS A 242 -12.87 -4.67 9.00
C CYS A 242 -12.13 -3.99 10.13
N ASP A 243 -11.86 -4.70 11.22
CA ASP A 243 -11.20 -4.07 12.37
C ASP A 243 -10.17 -5.03 12.97
N SER A 244 -9.94 -6.15 12.28
CA SER A 244 -9.15 -7.24 12.84
C SER A 244 -8.39 -8.05 11.80
N ALA A 245 -7.34 -8.73 12.23
CA ALA A 245 -6.68 -9.73 11.39
C ALA A 245 -6.18 -10.92 12.21
N VAL A 246 -6.15 -12.10 11.58
CA VAL A 246 -5.45 -13.23 12.15
C VAL A 246 -4.40 -13.63 11.13
N ALA A 247 -3.13 -13.54 11.55
CA ALA A 247 -2.00 -13.62 10.63
C ALA A 247 -1.01 -14.67 11.07
N SER A 248 -0.25 -15.17 10.09
CA SER A 248 0.79 -16.14 10.33
C SER A 248 1.72 -16.16 9.13
N ALA A 249 2.71 -17.04 9.19
CA ALA A 249 3.59 -17.29 8.06
C ALA A 249 3.46 -18.76 7.73
N VAL A 250 3.42 -19.12 6.45
CA VAL A 250 3.20 -20.51 6.09
C VAL A 250 4.33 -20.98 5.19
N PRO A 251 4.96 -22.12 5.51
CA PRO A 251 6.01 -22.61 4.63
C PRO A 251 5.49 -22.83 3.23
N ASN A 252 6.34 -22.58 2.24
CA ASN A 252 5.99 -22.83 0.86
C ASN A 252 6.97 -23.78 0.21
N ASP A 253 6.46 -24.73 -0.56
CA ASP A 253 7.32 -25.62 -1.30
C ASP A 253 7.65 -24.95 -2.62
N ASP A 254 8.61 -24.02 -2.55
CA ASP A 254 9.03 -23.20 -3.69
C ASP A 254 9.44 -24.01 -4.92
N ALA A 255 10.17 -25.11 -4.68
CA ALA A 255 10.68 -25.97 -5.76
C ALA A 255 9.57 -26.67 -6.55
N ARG A 256 8.52 -27.13 -5.88
CA ARG A 256 7.37 -27.67 -6.64
C ARG A 256 6.35 -26.59 -7.04
N ASP A 257 6.14 -25.57 -6.20
CA ASP A 257 5.05 -24.64 -6.46
C ASP A 257 5.45 -23.25 -6.99
N GLY A 258 6.74 -22.94 -7.00
CA GLY A 258 7.19 -21.61 -7.37
C GLY A 258 6.85 -20.56 -6.32
N VAL A 259 7.16 -19.31 -6.64
CA VAL A 259 6.89 -18.18 -5.78
C VAL A 259 6.04 -17.23 -6.60
N GLU A 260 4.81 -16.98 -6.15
CA GLU A 260 3.92 -16.08 -6.88
C GLU A 260 4.49 -14.67 -6.85
N PRO A 261 4.69 -14.05 -8.03
CA PRO A 261 5.21 -12.68 -8.15
C PRO A 261 4.12 -11.63 -7.89
N TYR A 262 3.32 -11.83 -6.84
CA TYR A 262 2.20 -10.94 -6.59
C TYR A 262 1.58 -11.26 -5.26
N THR A 263 0.88 -10.27 -4.72
CA THR A 263 0.10 -10.44 -3.51
C THR A 263 -1.27 -10.98 -3.93
N SER A 264 -1.85 -11.87 -3.13
CA SER A 264 -3.20 -12.29 -3.40
C SER A 264 -4.11 -11.75 -2.32
N SER A 265 -5.34 -11.41 -2.69
CA SER A 265 -6.36 -11.03 -1.73
C SER A 265 -7.49 -12.03 -1.95
N ILE A 266 -7.74 -12.89 -0.96
CA ILE A 266 -8.67 -13.99 -1.15
C ILE A 266 -9.89 -13.65 -0.31
N ALA A 267 -11.02 -13.39 -0.98
CA ALA A 267 -12.20 -12.92 -0.25
C ALA A 267 -12.78 -14.09 0.56
N MET A 268 -13.10 -13.79 1.81
CA MET A 268 -13.63 -14.75 2.74
C MET A 268 -15.10 -14.42 2.98
N ASN A 269 -15.72 -15.03 4.00
CA ASN A 269 -17.11 -14.78 4.32
C ASN A 269 -17.31 -13.40 4.96
N SER A 270 -16.33 -13.00 5.77
CA SER A 270 -16.48 -11.75 6.51
C SER A 270 -15.22 -10.91 6.46
N GLY A 271 -14.58 -10.91 5.28
CA GLY A 271 -13.35 -10.16 5.06
C GLY A 271 -12.55 -10.82 3.95
N TRP A 272 -11.23 -10.73 4.04
CA TRP A 272 -10.39 -11.29 2.99
C TRP A 272 -9.06 -11.68 3.59
N THR A 273 -8.35 -12.57 2.92
CA THR A 273 -7.05 -13.05 3.40
C THR A 273 -5.96 -12.60 2.46
N TRP A 274 -4.91 -12.02 3.00
CA TRP A 274 -3.79 -11.66 2.14
C TRP A 274 -2.89 -12.86 2.04
N LYS A 275 -2.15 -12.92 0.93
CA LYS A 275 -1.06 -13.85 0.78
C LYS A 275 0.10 -13.04 0.25
N ILE A 276 1.24 -13.12 0.92
CA ILE A 276 2.41 -12.33 0.50
C ILE A 276 3.61 -13.25 0.39
N PRO A 277 3.85 -13.83 -0.81
CA PRO A 277 4.93 -14.79 -0.97
C PRO A 277 6.32 -14.17 -0.86
N MET A 278 7.23 -14.93 -0.27
CA MET A 278 8.66 -14.72 -0.40
C MET A 278 9.30 -16.08 -0.60
N LEU A 279 10.63 -16.14 -0.57
CA LEU A 279 11.35 -17.40 -0.64
C LEU A 279 11.12 -18.20 0.64
N GLY A 280 10.64 -19.43 0.46
CA GLY A 280 10.48 -20.37 1.54
C GLY A 280 9.17 -20.28 2.29
N ARG A 281 8.43 -19.19 2.15
CA ARG A 281 7.25 -18.96 2.99
C ARG A 281 6.38 -17.86 2.40
N PHE A 282 5.09 -17.92 2.67
CA PHE A 282 4.27 -16.75 2.45
C PHE A 282 3.67 -16.23 3.76
N GLY A 283 3.59 -14.91 3.90
CA GLY A 283 2.85 -14.34 5.01
C GLY A 283 1.40 -14.33 4.62
N SER A 284 0.51 -14.52 5.58
CA SER A 284 -0.91 -14.51 5.28
C SER A 284 -1.71 -14.02 6.48
N GLY A 285 -2.75 -13.25 6.21
CA GLY A 285 -3.62 -12.78 7.26
C GLY A 285 -5.05 -12.69 6.79
N TYR A 286 -5.95 -13.25 7.59
CA TYR A 286 -7.38 -13.07 7.34
C TYR A 286 -7.75 -11.75 8.00
N VAL A 287 -8.06 -10.76 7.17
CA VAL A 287 -8.52 -9.46 7.63
C VAL A 287 -10.03 -9.53 7.74
N PHE A 288 -10.56 -9.26 8.93
CA PHE A 288 -11.97 -9.49 9.18
C PHE A 288 -12.65 -8.43 10.02
N SER A 289 -13.99 -8.41 9.96
CA SER A 289 -14.77 -7.49 10.77
C SER A 289 -15.39 -8.22 11.93
N SER A 290 -15.07 -7.80 13.15
CA SER A 290 -15.52 -8.55 14.32
C SER A 290 -17.03 -8.38 14.48
N HIS A 291 -17.60 -7.46 13.71
CA HIS A 291 -19.05 -7.31 13.71
C HIS A 291 -19.77 -8.46 12.99
N PHE A 292 -19.08 -9.19 12.10
CA PHE A 292 -19.73 -10.24 11.30
C PHE A 292 -19.20 -11.65 11.59
N THR A 293 -17.99 -11.69 12.14
CA THR A 293 -17.41 -12.97 12.55
C THR A 293 -16.64 -12.80 13.86
N SER A 294 -16.69 -13.80 14.72
CA SER A 294 -15.84 -13.77 15.91
C SER A 294 -14.38 -14.02 15.47
N ARG A 295 -13.43 -13.61 16.31
CA ARG A 295 -12.03 -13.95 16.11
C ARG A 295 -11.84 -15.46 16.06
N ASP A 296 -12.66 -16.17 16.86
CA ASP A 296 -12.70 -17.62 16.92
C ASP A 296 -13.03 -18.25 15.55
N GLN A 297 -14.14 -17.81 14.96
CA GLN A 297 -14.53 -18.31 13.67
C GLN A 297 -13.58 -17.89 12.57
N ALA A 298 -13.05 -16.66 12.67
CA ALA A 298 -12.09 -16.15 11.70
C ALA A 298 -10.85 -17.01 11.70
N THR A 299 -10.35 -17.31 12.88
CA THR A 299 -9.20 -18.19 13.08
C THR A 299 -9.45 -19.58 12.47
N ALA A 300 -10.64 -20.14 12.68
CA ALA A 300 -10.98 -21.44 12.11
C ALA A 300 -11.02 -21.34 10.58
N ASP A 301 -11.67 -20.31 10.05
CA ASP A 301 -11.71 -20.05 8.61
C ASP A 301 -10.31 -19.91 8.03
N PHE A 302 -9.41 -19.22 8.74
CA PHE A 302 -8.04 -18.99 8.26
C PHE A 302 -7.23 -20.27 8.25
N LEU A 303 -7.24 -21.00 9.35
CA LEU A 303 -6.56 -22.31 9.41
C LEU A 303 -7.03 -23.29 8.32
N LYS A 304 -8.34 -23.40 8.16
CA LYS A 304 -8.99 -24.24 7.15
C LYS A 304 -8.52 -23.83 5.74
N LEU A 305 -8.44 -22.52 5.45
CA LEU A 305 -8.00 -22.04 4.13
C LEU A 305 -6.64 -22.63 3.73
N TRP A 306 -5.69 -22.69 4.64
CA TRP A 306 -4.36 -23.18 4.28
C TRP A 306 -4.08 -24.60 4.75
N GLY A 307 -5.12 -25.32 5.17
CA GLY A 307 -4.95 -26.66 5.74
C GLY A 307 -3.99 -26.62 6.91
N LEU A 308 -4.12 -25.60 7.76
CA LEU A 308 -3.22 -25.43 8.91
C LEU A 308 -3.79 -26.09 10.17
N SER A 309 -2.93 -26.37 11.17
CA SER A 309 -3.37 -27.11 12.34
C SER A 309 -3.55 -26.24 13.57
N ASP A 310 -4.22 -26.80 14.58
CA ASP A 310 -4.35 -26.15 15.87
C ASP A 310 -3.00 -25.87 16.55
N ASN A 311 -1.92 -26.52 16.01
CA ASN A 311 -0.57 -26.23 16.52
C ASN A 311 0.06 -24.99 15.82
N GLN A 312 -0.60 -24.46 14.78
CA GLN A 312 -0.10 -23.28 14.05
C GLN A 312 -0.17 -22.01 14.89
N PRO A 313 0.97 -21.28 15.02
CA PRO A 313 1.05 -19.99 15.68
C PRO A 313 0.30 -18.88 14.92
N LEU A 314 -0.32 -18.01 15.69
CA LEU A 314 -1.20 -17.00 15.14
C LEU A 314 -0.90 -15.66 15.77
N ASN A 315 -0.98 -14.62 14.96
CA ASN A 315 -0.84 -13.25 15.40
C ASN A 315 -2.24 -12.64 15.33
N GLN A 316 -2.84 -12.40 16.50
CA GLN A 316 -4.21 -11.89 16.62
C GLN A 316 -4.22 -10.37 16.74
N ILE A 317 -4.40 -9.71 15.60
CA ILE A 317 -4.24 -8.28 15.46
C ILE A 317 -5.59 -7.57 15.56
N LYS A 318 -5.60 -6.36 16.10
CA LYS A 318 -6.76 -5.50 15.94
C LYS A 318 -6.29 -4.16 15.44
N PHE A 319 -7.21 -3.38 14.88
CA PHE A 319 -6.84 -2.05 14.41
C PHE A 319 -8.04 -1.15 14.34
N ARG A 320 -7.80 0.16 14.33
CA ARG A 320 -8.89 1.10 14.12
C ARG A 320 -8.63 1.69 12.77
N VAL A 321 -9.67 1.79 11.97
CA VAL A 321 -9.55 2.32 10.63
C VAL A 321 -9.87 3.81 10.77
N GLY A 322 -9.01 4.62 10.16
CA GLY A 322 -9.22 6.04 10.07
C GLY A 322 -7.88 6.74 10.16
N ARG A 323 -7.93 8.00 10.57
CA ARG A 323 -6.74 8.83 10.65
C ARG A 323 -6.96 9.94 11.67
N ASN A 324 -5.86 10.48 12.16
CA ASN A 324 -5.91 11.65 13.05
C ASN A 324 -6.62 12.78 12.33
N LYS A 325 -7.28 13.65 13.07
CA LYS A 325 -7.89 14.83 12.46
C LYS A 325 -6.80 15.67 11.78
N ARG A 326 -5.65 15.78 12.45
CA ARG A 326 -4.43 16.41 11.91
C ARG A 326 -3.21 15.53 12.18
N ALA A 327 -2.35 15.34 11.19
CA ALA A 327 -1.17 14.48 11.40
C ALA A 327 -0.09 15.21 12.17
N TRP A 328 -0.05 16.53 12.02
CA TRP A 328 1.01 17.32 12.60
C TRP A 328 0.36 18.40 13.44
N VAL A 329 0.64 18.36 14.75
CA VAL A 329 0.04 19.29 15.70
C VAL A 329 1.18 19.92 16.46
N ASN A 330 1.22 21.24 16.54
CA ASN A 330 2.31 21.91 17.26
C ASN A 330 3.69 21.42 16.76
N ASN A 331 4.53 20.84 17.62
CA ASN A 331 5.88 20.46 17.21
C ASN A 331 6.00 18.95 17.08
N CYS A 332 4.87 18.29 16.83
CA CYS A 332 4.80 16.84 16.71
C CYS A 332 4.17 16.46 15.38
N VAL A 333 4.89 15.66 14.60
CA VAL A 333 4.42 15.12 13.33
C VAL A 333 4.23 13.61 13.54
N SER A 334 3.02 13.11 13.32
CA SER A 334 2.81 11.66 13.41
C SER A 334 3.06 11.04 12.06
N ILE A 335 3.71 9.87 12.07
CA ILE A 335 4.14 9.19 10.85
C ILE A 335 3.91 7.70 11.09
N GLY A 336 3.16 7.04 10.21
CA GLY A 336 2.96 5.60 10.31
C GLY A 336 1.68 5.22 11.05
N LEU A 337 1.71 4.12 11.80
CA LEU A 337 0.47 3.70 12.50
C LEU A 337 -0.05 4.72 13.50
N SER A 338 0.80 5.63 13.99
CA SER A 338 0.34 6.69 14.94
C SER A 338 -0.49 7.74 14.19
N SER A 339 -0.44 7.71 12.88
CA SER A 339 -1.05 8.75 12.08
C SER A 339 -2.37 8.23 11.51
N CYS A 340 -2.35 7.01 10.99
CA CYS A 340 -3.54 6.46 10.36
C CYS A 340 -3.38 4.97 10.10
N PHE A 341 -4.51 4.33 9.79
CA PHE A 341 -4.47 2.95 9.32
C PHE A 341 -5.56 2.72 8.29
N LEU A 342 -5.19 1.98 7.26
CA LEU A 342 -6.13 1.51 6.32
C LEU A 342 -5.73 0.03 6.13
N GLU A 343 -6.71 -0.86 6.00
CA GLU A 343 -6.42 -2.28 5.76
C GLU A 343 -5.57 -2.49 4.52
N PRO A 344 -4.70 -3.52 4.55
CA PRO A 344 -3.68 -3.68 3.51
C PRO A 344 -4.19 -4.14 2.15
N LEU A 345 -5.41 -3.75 1.77
CA LEU A 345 -6.02 -4.24 0.54
C LEU A 345 -5.29 -3.76 -0.71
N GLU A 346 -4.60 -2.62 -0.61
CA GLU A 346 -3.89 -2.11 -1.76
C GLU A 346 -2.49 -1.63 -1.38
N SER A 347 -1.94 -2.19 -0.30
CA SER A 347 -0.52 -2.05 0.00
C SER A 347 -0.12 -0.59 0.21
N THR A 348 -0.86 0.14 1.03
CA THR A 348 -0.63 1.59 1.14
C THR A 348 0.04 1.99 2.48
N GLY A 349 0.27 1.04 3.38
CA GLY A 349 0.73 1.38 4.73
C GLY A 349 2.11 2.02 4.73
N ILE A 350 3.06 1.33 4.11
CA ILE A 350 4.42 1.84 4.11
C ILE A 350 4.50 3.03 3.17
N TYR A 351 3.77 2.98 2.05
CA TYR A 351 3.51 4.19 1.24
C TYR A 351 3.15 5.43 2.11
N PHE A 352 2.19 5.29 3.03
CA PHE A 352 1.84 6.44 3.86
C PHE A 352 3.04 6.97 4.65
N ILE A 353 3.96 6.09 5.03
CA ILE A 353 5.14 6.52 5.80
C ILE A 353 6.03 7.37 4.92
N TYR A 354 6.54 6.84 3.82
CA TYR A 354 7.49 7.66 3.02
C TYR A 354 6.85 8.82 2.26
N ALA A 355 5.57 8.71 1.91
CA ALA A 355 4.87 9.84 1.28
C ALA A 355 4.75 10.98 2.31
N ALA A 356 4.45 10.61 3.55
CA ALA A 356 4.33 11.62 4.62
C ALA A 356 5.68 12.24 4.93
N LEU A 357 6.73 11.42 4.95
CA LEU A 357 8.08 11.95 5.16
C LEU A 357 8.51 12.89 4.03
N TYR A 358 8.23 12.49 2.81
CA TYR A 358 8.43 13.36 1.66
C TYR A 358 7.69 14.68 1.88
N GLN A 359 6.40 14.62 2.26
CA GLN A 359 5.62 15.85 2.48
C GLN A 359 6.19 16.67 3.63
N LEU A 360 6.69 16.01 4.66
CA LEU A 360 7.22 16.73 5.82
C LEU A 360 8.43 17.57 5.42
N VAL A 361 9.28 16.99 4.60
CA VAL A 361 10.45 17.70 4.13
C VAL A 361 10.01 18.82 3.16
N LYS A 362 8.96 18.55 2.36
CA LYS A 362 8.38 19.63 1.52
C LYS A 362 7.80 20.79 2.34
N HIS A 363 7.39 20.53 3.60
CA HIS A 363 6.76 21.56 4.45
C HIS A 363 7.60 21.79 5.69
N PHE A 364 8.91 21.66 5.56
CA PHE A 364 9.77 21.59 6.76
C PHE A 364 9.81 22.88 7.56
N PRO A 365 9.60 22.78 8.91
CA PRO A 365 9.49 23.98 9.73
C PRO A 365 10.82 24.57 10.17
N ASP A 366 10.77 25.78 10.73
CA ASP A 366 11.81 26.22 11.64
C ASP A 366 11.27 26.14 13.08
N THR A 367 11.99 26.67 14.04
CA THR A 367 11.55 26.50 15.43
C THR A 367 10.38 27.40 15.78
N SER A 368 10.00 28.29 14.87
CA SER A 368 8.81 29.10 15.10
C SER A 368 7.51 28.34 14.81
N PHE A 369 7.60 27.22 14.08
CA PHE A 369 6.41 26.42 13.76
C PHE A 369 5.23 27.23 13.19
N ASP A 370 5.50 27.91 12.07
CA ASP A 370 4.49 28.59 11.30
C ASP A 370 3.34 27.61 11.04
N PRO A 371 2.14 27.87 11.60
CA PRO A 371 1.00 26.93 11.38
C PRO A 371 0.61 26.80 9.92
N ARG A 372 0.97 27.76 9.10
CA ARG A 372 0.64 27.65 7.68
C ARG A 372 1.34 26.44 7.04
N LEU A 373 2.53 26.10 7.55
CA LEU A 373 3.26 24.93 7.05
C LEU A 373 2.58 23.61 7.44
N SER A 374 2.25 23.47 8.72
CA SER A 374 1.61 22.24 9.18
C SER A 374 0.20 22.16 8.62
N ASP A 375 -0.51 23.29 8.54
CA ASP A 375 -1.84 23.24 7.90
C ASP A 375 -1.72 22.70 6.46
N ALA A 376 -0.72 23.17 5.70
CA ALA A 376 -0.55 22.66 4.33
C ALA A 376 -0.19 21.19 4.32
N PHE A 377 0.77 20.81 5.16
CA PHE A 377 1.15 19.41 5.31
C PHE A 377 -0.07 18.57 5.68
N ASN A 378 -0.83 19.00 6.68
CA ASN A 378 -2.01 18.26 7.13
C ASN A 378 -3.00 18.06 6.03
N ALA A 379 -3.21 19.06 5.18
CA ALA A 379 -4.17 18.92 4.09
C ALA A 379 -3.68 17.90 3.03
N GLU A 380 -2.37 17.79 2.86
CA GLU A 380 -1.82 16.79 1.94
C GLU A 380 -2.05 15.40 2.45
N ILE A 381 -1.78 15.20 3.74
CA ILE A 381 -2.01 13.89 4.35
C ILE A 381 -3.50 13.50 4.28
N VAL A 382 -4.40 14.44 4.58
CA VAL A 382 -5.85 14.18 4.53
C VAL A 382 -6.22 13.66 3.14
N HIS A 383 -5.74 14.35 2.10
CA HIS A 383 -6.05 13.99 0.73
C HIS A 383 -5.43 12.64 0.37
N MET A 384 -4.19 12.41 0.79
CA MET A 384 -3.53 11.17 0.51
C MET A 384 -4.34 10.00 1.11
N PHE A 385 -4.66 10.10 2.41
CA PHE A 385 -5.34 9.04 3.09
C PHE A 385 -6.78 8.83 2.61
N ASP A 386 -7.55 9.90 2.52
CA ASP A 386 -9.00 9.80 2.20
C ASP A 386 -9.17 9.25 0.76
N ASP A 387 -8.24 9.61 -0.10
CA ASP A 387 -8.20 9.15 -1.46
C ASP A 387 -7.97 7.62 -1.53
N CYS A 388 -7.00 7.14 -0.76
CA CYS A 388 -6.77 5.69 -0.64
C CYS A 388 -7.91 4.97 0.06
N ARG A 389 -8.50 5.61 1.07
CA ARG A 389 -9.61 5.02 1.81
C ARG A 389 -10.75 4.78 0.85
N ASP A 390 -11.05 5.80 0.03
CA ASP A 390 -12.13 5.66 -0.93
C ASP A 390 -11.87 4.55 -1.97
N PHE A 391 -10.64 4.46 -2.46
CA PHE A 391 -10.28 3.48 -3.49
C PHE A 391 -10.44 2.07 -2.91
N VAL A 392 -9.97 1.89 -1.66
CA VAL A 392 -10.11 0.62 -0.96
C VAL A 392 -11.61 0.34 -0.74
N GLN A 393 -12.35 1.38 -0.33
CA GLN A 393 -13.78 1.21 -0.12
C GLN A 393 -14.49 0.80 -1.41
N ALA A 394 -14.02 1.31 -2.54
CA ALA A 394 -14.57 1.00 -3.84
C ALA A 394 -14.48 -0.49 -4.18
N HIS A 395 -13.61 -1.25 -3.51
CA HIS A 395 -13.55 -2.70 -3.74
C HIS A 395 -14.74 -3.36 -3.06
N TYR A 396 -15.26 -2.70 -2.02
CA TYR A 396 -16.29 -3.29 -1.20
C TYR A 396 -17.70 -2.98 -1.65
N PHE A 397 -18.00 -1.73 -1.95
CA PHE A 397 -19.40 -1.38 -2.23
C PHE A 397 -19.87 -1.73 -3.65
N THR A 398 -18.92 -2.12 -4.49
CA THR A 398 -19.17 -2.45 -5.89
C THR A 398 -19.22 -3.97 -6.04
N THR A 399 -19.02 -4.69 -4.94
CA THR A 399 -19.13 -6.15 -4.99
C THR A 399 -20.52 -6.63 -5.43
N SER A 400 -20.54 -7.76 -6.13
CA SER A 400 -21.78 -8.43 -6.46
C SER A 400 -22.03 -9.57 -5.49
N ARG A 401 -21.05 -9.87 -4.64
CA ARG A 401 -21.28 -10.87 -3.59
C ARG A 401 -22.41 -10.43 -2.66
N ASP A 402 -23.32 -11.36 -2.42
CA ASP A 402 -24.49 -11.11 -1.61
C ASP A 402 -24.74 -12.29 -0.69
N ASP A 403 -23.74 -13.15 -0.56
CA ASP A 403 -23.93 -14.48 0.02
C ASP A 403 -23.72 -14.52 1.53
N THR A 404 -23.23 -13.42 2.11
CA THR A 404 -23.13 -13.30 3.58
C THR A 404 -23.57 -11.91 4.07
N PRO A 405 -23.97 -11.80 5.36
CA PRO A 405 -24.22 -10.49 5.95
C PRO A 405 -23.10 -9.50 5.72
N PHE A 406 -21.84 -9.92 5.88
CA PHE A 406 -20.71 -9.00 5.65
C PHE A 406 -20.75 -8.40 4.24
N TRP A 407 -20.91 -9.24 3.22
CA TRP A 407 -20.95 -8.72 1.85
C TRP A 407 -22.20 -7.91 1.57
N LEU A 408 -23.34 -8.29 2.18
CA LEU A 408 -24.54 -7.47 2.08
C LEU A 408 -24.38 -6.09 2.72
N ALA A 409 -23.70 -6.02 3.86
CA ALA A 409 -23.49 -4.74 4.53
C ALA A 409 -22.59 -3.82 3.67
N ASN A 410 -21.59 -4.42 3.01
CA ASN A 410 -20.73 -3.71 2.10
C ASN A 410 -21.50 -3.17 0.90
N ARG A 411 -22.43 -3.99 0.37
CA ARG A 411 -23.30 -3.50 -0.72
C ARG A 411 -24.25 -2.40 -0.30
N HIS A 412 -24.67 -2.39 0.96
CA HIS A 412 -25.79 -1.54 1.36
C HIS A 412 -25.54 -0.52 2.46
N ASP A 413 -24.64 -0.84 3.39
CA ASP A 413 -24.57 -0.09 4.65
C ASP A 413 -23.36 0.87 4.82
N LEU A 414 -22.49 0.99 3.83
CA LEU A 414 -21.31 1.88 3.97
C LEU A 414 -21.66 3.33 3.75
N ARG A 415 -20.91 4.20 4.43
CA ARG A 415 -20.95 5.63 4.18
C ARG A 415 -19.94 5.91 3.07
N LEU A 416 -20.40 6.61 2.04
CA LEU A 416 -19.58 6.92 0.89
C LEU A 416 -19.30 8.42 0.82
N SER A 417 -18.03 8.79 0.60
CA SER A 417 -17.69 10.20 0.38
C SER A 417 -18.35 10.68 -0.91
N ASP A 418 -18.59 11.98 -1.01
CA ASP A 418 -19.03 12.58 -2.28
C ASP A 418 -18.02 12.32 -3.39
N ALA A 419 -16.74 12.35 -3.04
CA ALA A 419 -15.65 12.17 -3.98
C ALA A 419 -15.72 10.78 -4.64
N ILE A 420 -15.98 9.73 -3.86
CA ILE A 420 -16.00 8.39 -4.47
C ILE A 420 -17.28 8.20 -5.32
N LYS A 421 -18.38 8.77 -4.88
CA LYS A 421 -19.64 8.64 -5.60
C LYS A 421 -19.46 9.29 -6.96
N GLU A 422 -18.81 10.45 -6.96
CA GLU A 422 -18.59 11.21 -8.19
C GLU A 422 -17.81 10.37 -9.18
N LYS A 423 -16.70 9.78 -8.72
CA LYS A 423 -15.89 8.92 -9.59
C LYS A 423 -16.67 7.71 -10.14
N VAL A 424 -17.42 7.07 -9.26
CA VAL A 424 -18.17 5.88 -9.62
C VAL A 424 -19.18 6.32 -10.69
N GLN A 425 -19.81 7.48 -10.47
CA GLN A 425 -20.76 8.06 -11.45
C GLN A 425 -20.12 8.29 -12.83
N ARG A 426 -18.90 8.85 -12.85
CA ARG A 426 -18.19 9.11 -14.10
C ARG A 426 -17.84 7.78 -14.76
N TYR A 427 -17.35 6.83 -13.97
CA TYR A 427 -17.04 5.49 -14.47
C TYR A 427 -18.28 4.87 -15.12
N LYS A 428 -19.39 4.85 -14.39
CA LYS A 428 -20.59 4.20 -14.91
C LYS A 428 -21.12 4.87 -16.17
N ALA A 429 -20.86 6.18 -16.30
CA ALA A 429 -21.28 6.95 -17.49
C ALA A 429 -20.46 6.52 -18.69
N GLY A 430 -19.35 5.83 -18.43
CA GLY A 430 -18.45 5.44 -19.49
C GLY A 430 -17.25 6.34 -19.65
N LEU A 431 -17.12 7.36 -18.79
CA LEU A 431 -15.99 8.30 -18.84
C LEU A 431 -14.71 7.70 -18.25
N PRO A 432 -13.54 8.00 -18.83
CA PRO A 432 -12.27 7.66 -18.22
C PRO A 432 -12.12 8.40 -16.89
N LEU A 433 -11.44 7.78 -15.94
CA LEU A 433 -10.98 8.53 -14.78
C LEU A 433 -9.64 9.13 -15.18
N THR A 434 -8.77 9.45 -14.24
CA THR A 434 -7.57 10.21 -14.57
C THR A 434 -6.66 9.40 -15.48
N THR A 435 -6.30 9.98 -16.60
CA THR A 435 -5.33 9.33 -17.47
C THR A 435 -4.07 10.15 -17.55
N THR A 436 -2.96 9.45 -17.72
CA THR A 436 -1.71 10.12 -17.98
C THR A 436 -1.25 9.79 -19.40
N SER A 437 -0.50 10.72 -20.01
CA SER A 437 0.20 10.48 -21.28
C SER A 437 1.59 9.89 -21.02
N PHE A 438 2.08 10.00 -19.77
CA PHE A 438 3.43 9.51 -19.44
C PHE A 438 3.46 8.01 -19.55
N ASP A 439 4.66 7.47 -19.76
CA ASP A 439 4.94 6.07 -19.47
C ASP A 439 5.14 5.90 -17.97
N ASP A 440 5.27 4.64 -17.56
CA ASP A 440 5.41 4.28 -16.16
C ASP A 440 6.63 4.92 -15.49
N SER A 441 7.77 4.84 -16.17
CA SER A 441 9.03 5.43 -15.74
C SER A 441 8.83 6.87 -15.31
N THR A 442 8.11 7.62 -16.12
CA THR A 442 7.88 9.04 -15.85
C THR A 442 6.94 9.24 -14.69
N TYR A 443 5.83 8.50 -14.69
CA TYR A 443 4.85 8.52 -13.60
C TYR A 443 5.54 8.23 -12.27
N TYR A 444 6.28 7.11 -12.23
CA TYR A 444 6.93 6.68 -11.00
C TYR A 444 8.15 7.53 -10.66
N GLU A 445 8.58 8.40 -11.57
CA GLU A 445 9.69 9.34 -11.31
C GLU A 445 9.20 10.75 -10.93
N THR A 446 7.88 10.97 -10.97
CA THR A 446 7.34 12.32 -10.78
C THR A 446 6.36 12.29 -9.62
N PHE A 447 6.94 12.34 -8.41
CA PHE A 447 6.14 12.03 -7.22
C PHE A 447 5.11 13.09 -6.89
N ASP A 448 5.39 14.35 -7.18
CA ASP A 448 4.35 15.37 -7.05
C ASP A 448 3.14 15.05 -7.92
N TYR A 449 3.38 14.42 -9.07
CA TYR A 449 2.26 14.02 -9.91
C TYR A 449 1.57 12.77 -9.31
N GLU A 450 2.33 11.71 -9.08
CA GLU A 450 1.76 10.45 -8.53
C GLU A 450 1.02 10.71 -7.22
N PHE A 451 1.62 11.51 -6.33
CA PHE A 451 1.01 11.74 -5.03
C PHE A 451 -0.40 12.32 -5.15
N LYS A 452 -0.59 13.23 -6.11
CA LYS A 452 -1.89 13.85 -6.34
C LYS A 452 -2.77 13.06 -7.31
N ASN A 453 -2.17 12.18 -8.12
CA ASN A 453 -2.93 11.37 -9.06
C ASN A 453 -2.56 9.93 -8.84
N PHE A 454 -2.93 9.41 -7.68
CA PHE A 454 -2.42 8.16 -7.20
C PHE A 454 -3.12 6.95 -7.86
N TRP A 455 -4.42 7.09 -8.06
CA TRP A 455 -5.21 6.05 -8.65
C TRP A 455 -5.66 6.58 -9.96
N LEU A 456 -5.21 5.91 -11.02
CA LEU A 456 -5.55 6.34 -12.37
C LEU A 456 -6.68 5.49 -12.90
N ASN A 457 -7.13 5.85 -14.11
CA ASN A 457 -8.12 5.09 -14.83
C ASN A 457 -7.90 3.58 -14.83
N GLY A 458 -6.66 3.14 -15.14
CA GLY A 458 -6.32 1.71 -15.15
C GLY A 458 -6.57 1.06 -13.79
N ASN A 459 -6.20 1.76 -12.72
CA ASN A 459 -6.39 1.20 -11.38
C ASN A 459 -7.89 1.01 -11.10
N TYR A 460 -8.71 2.04 -11.35
CA TYR A 460 -10.15 1.85 -11.17
C TYR A 460 -10.70 0.78 -12.06
N TYR A 461 -10.28 0.75 -13.34
CA TYR A 461 -10.84 -0.27 -14.21
C TYR A 461 -10.44 -1.66 -13.73
N CYS A 462 -9.18 -1.86 -13.33
CA CYS A 462 -8.79 -3.21 -12.87
C CYS A 462 -9.73 -3.66 -11.77
N ILE A 463 -10.06 -2.74 -10.86
CA ILE A 463 -10.87 -3.11 -9.73
C ILE A 463 -12.35 -3.26 -10.10
N PHE A 464 -12.92 -2.24 -10.70
CA PHE A 464 -14.33 -2.27 -11.05
C PHE A 464 -14.61 -3.38 -12.05
N ALA A 465 -13.84 -3.46 -13.14
CA ALA A 465 -14.08 -4.51 -14.13
C ALA A 465 -13.83 -5.91 -13.54
N GLY A 466 -12.77 -6.07 -12.75
CA GLY A 466 -12.49 -7.35 -12.11
C GLY A 466 -13.66 -7.77 -11.22
N LEU A 467 -14.23 -6.80 -10.51
CA LEU A 467 -15.39 -7.10 -9.64
C LEU A 467 -16.72 -7.35 -10.37
N GLY A 468 -16.76 -7.06 -11.67
CA GLY A 468 -17.97 -7.28 -12.45
C GLY A 468 -18.84 -6.03 -12.54
N MET A 469 -18.33 -4.87 -12.13
CA MET A 469 -19.12 -3.64 -12.32
C MET A 469 -18.57 -2.87 -13.52
N LEU A 470 -19.31 -2.92 -14.61
CA LEU A 470 -18.92 -2.27 -15.82
C LEU A 470 -19.74 -1.01 -16.03
N PRO A 471 -19.23 -0.05 -16.82
CA PRO A 471 -20.02 1.13 -17.20
C PRO A 471 -21.30 0.77 -17.93
N ASP A 472 -22.27 1.68 -17.97
CA ASP A 472 -23.53 1.42 -18.64
C ASP A 472 -23.31 1.23 -20.13
N ARG A 473 -22.29 1.86 -20.68
CA ARG A 473 -22.07 1.77 -22.12
C ARG A 473 -20.69 2.30 -22.40
N SER A 474 -20.20 2.00 -23.59
CA SER A 474 -18.92 2.50 -24.04
C SER A 474 -19.02 4.00 -24.41
N LEU A 475 -17.86 4.66 -24.48
CA LEU A 475 -17.79 6.09 -24.77
C LEU A 475 -18.54 6.46 -26.02
N PRO A 476 -19.54 7.36 -25.90
CA PRO A 476 -20.23 7.73 -27.14
C PRO A 476 -19.27 8.21 -28.25
N LEU A 477 -18.19 8.90 -27.87
CA LEU A 477 -17.22 9.41 -28.87
C LEU A 477 -16.77 8.34 -29.86
N LEU A 478 -16.61 7.12 -29.36
CA LEU A 478 -16.04 6.05 -30.15
C LEU A 478 -16.88 5.65 -31.36
N GLN A 479 -18.17 5.98 -31.34
CA GLN A 479 -19.05 5.66 -32.46
C GLN A 479 -18.79 6.54 -33.68
N HIS A 480 -18.03 7.61 -33.47
CA HIS A 480 -17.64 8.55 -34.51
C HIS A 480 -16.20 8.31 -34.99
N ARG A 481 -15.52 7.34 -34.40
CA ARG A 481 -14.08 7.17 -34.63
C ARG A 481 -13.65 5.75 -35.04
N PRO A 482 -14.11 5.26 -36.21
CA PRO A 482 -13.75 3.87 -36.54
C PRO A 482 -12.26 3.65 -36.77
N GLU A 483 -11.57 4.67 -37.27
CA GLU A 483 -10.13 4.60 -37.49
C GLU A 483 -9.41 4.46 -36.16
N SER A 484 -9.86 5.19 -35.15
CA SER A 484 -9.28 5.07 -33.82
C SER A 484 -9.51 3.68 -33.24
N ILE A 485 -10.71 3.13 -33.45
CA ILE A 485 -10.99 1.75 -33.04
C ILE A 485 -10.01 0.76 -33.69
N GLU A 486 -9.72 0.95 -34.97
CA GLU A 486 -8.75 0.08 -35.70
C GLU A 486 -7.30 0.18 -35.19
N LYS A 487 -6.88 1.39 -34.87
CA LYS A 487 -5.59 1.62 -34.25
C LYS A 487 -5.53 0.95 -32.88
N ALA A 488 -6.64 1.00 -32.13
CA ALA A 488 -6.69 0.33 -30.83
C ALA A 488 -6.45 -1.16 -31.00
N GLU A 489 -7.01 -1.74 -32.06
CA GLU A 489 -6.80 -3.16 -32.37
C GLU A 489 -5.32 -3.49 -32.55
N ALA A 490 -4.59 -2.63 -33.24
CA ALA A 490 -3.16 -2.79 -33.43
C ALA A 490 -2.42 -2.73 -32.09
N MET A 491 -2.89 -1.87 -31.19
CA MET A 491 -2.32 -1.80 -29.85
C MET A 491 -2.62 -3.03 -29.03
N PHE A 492 -3.86 -3.54 -29.13
CA PHE A 492 -4.18 -4.81 -28.48
C PHE A 492 -3.28 -5.95 -29.00
N ALA A 493 -3.03 -5.94 -30.32
CA ALA A 493 -2.15 -6.95 -30.92
C ALA A 493 -0.68 -6.82 -30.42
N SER A 494 -0.16 -5.59 -30.27
CA SER A 494 1.17 -5.35 -29.67
C SER A 494 1.27 -5.94 -28.29
N ILE A 495 0.23 -5.72 -27.49
CA ILE A 495 0.21 -6.15 -26.08
C ILE A 495 0.26 -7.66 -26.04
N ARG A 496 -0.48 -8.29 -26.94
CA ARG A 496 -0.48 -9.75 -27.03
C ARG A 496 0.88 -10.31 -27.46
N ARG A 497 1.55 -9.63 -28.38
CA ARG A 497 2.90 -9.99 -28.75
C ARG A 497 3.86 -9.95 -27.59
N GLU A 498 3.75 -8.88 -26.80
CA GLU A 498 4.61 -8.67 -25.66
C GLU A 498 4.33 -9.75 -24.59
N ALA A 499 3.06 -10.07 -24.35
CA ALA A 499 2.69 -11.14 -23.40
C ALA A 499 3.39 -12.44 -23.80
N GLU A 500 3.29 -12.78 -25.09
CA GLU A 500 3.89 -14.00 -25.63
C GLU A 500 5.43 -13.94 -25.56
N ARG A 501 6.03 -12.80 -25.86
CA ARG A 501 7.47 -12.67 -25.63
C ARG A 501 7.91 -12.87 -24.14
N LEU A 502 7.16 -12.28 -23.22
CA LEU A 502 7.44 -12.43 -21.79
C LEU A 502 7.33 -13.89 -21.32
N ARG A 503 6.30 -14.59 -21.79
CA ARG A 503 6.06 -16.01 -21.50
C ARG A 503 7.34 -16.84 -21.71
N THR A 504 8.06 -16.57 -22.80
CA THR A 504 9.19 -17.41 -23.20
C THR A 504 10.53 -16.77 -22.86
N SER A 505 10.50 -15.54 -22.34
CA SER A 505 11.75 -14.83 -22.06
C SER A 505 12.05 -14.61 -20.58
N LEU A 506 11.02 -14.52 -19.74
CA LEU A 506 11.27 -14.33 -18.30
C LEU A 506 11.71 -15.62 -17.59
N PRO A 507 12.61 -15.51 -16.60
CA PRO A 507 12.90 -16.68 -15.77
C PRO A 507 11.75 -16.80 -14.77
N THR A 508 11.53 -17.97 -14.18
CA THR A 508 10.50 -18.06 -13.13
C THR A 508 10.89 -17.10 -12.00
N ASN A 509 9.91 -16.68 -11.21
CA ASN A 509 10.20 -15.75 -10.13
C ASN A 509 11.10 -16.49 -9.15
N TYR A 510 10.80 -17.77 -8.93
CA TYR A 510 11.58 -18.62 -8.03
C TYR A 510 13.04 -18.73 -8.45
N ASP A 511 13.28 -19.06 -9.71
CA ASP A 511 14.66 -19.14 -10.25
C ASP A 511 15.43 -17.83 -10.17
N TYR A 512 14.77 -16.73 -10.50
CA TYR A 512 15.43 -15.43 -10.46
C TYR A 512 15.79 -15.01 -9.04
N LEU A 513 14.89 -15.28 -8.09
CA LEU A 513 15.14 -14.94 -6.69
C LEU A 513 16.33 -15.74 -6.14
N ARG A 514 16.31 -17.04 -6.37
CA ARG A 514 17.44 -17.91 -6.09
C ARG A 514 18.75 -17.39 -6.68
N SER A 515 18.73 -16.99 -7.95
CA SER A 515 19.94 -16.54 -8.64
C SER A 515 20.56 -15.32 -7.98
N LEU A 516 19.73 -14.34 -7.61
CA LEU A 516 20.19 -13.13 -6.92
C LEU A 516 20.90 -13.45 -5.60
N ARG A 517 20.23 -14.24 -4.77
CA ARG A 517 20.70 -14.58 -3.43
C ARG A 517 19.77 -15.68 -2.94
N ASP A 518 20.33 -16.78 -2.46
CA ASP A 518 19.53 -17.95 -2.07
C ASP A 518 18.73 -17.69 -0.77
CL CL B . -1.18 -1.70 3.61
O CTE C . 1.00 2.40 -9.16
C CTE C . 1.10 2.63 -7.94
OXT CTE C . 2.04 2.15 -7.28
CA CTE C . 0.07 3.52 -7.22
N CTE C . 0.04 4.86 -7.85
CB CTE C . -1.30 2.83 -7.18
CG CTE C . -1.29 1.51 -6.33
CD1 CTE C . -1.26 1.39 -4.98
NE1 CTE C . -1.27 0.08 -4.63
CE2 CTE C . -1.33 -0.67 -5.74
CD2 CTE C . -1.32 0.21 -6.85
CE3 CTE C . -1.37 -0.30 -8.15
CZ3 CTE C . -1.42 -1.68 -8.35
CH2 CTE C . -1.41 -2.57 -7.26
CZ2 CTE C . -1.36 -2.05 -5.96
CL CTE C . -1.31 -3.12 -4.59
PA FAD D . 4.92 -0.12 14.97
O1A FAD D . 5.44 -1.15 14.05
O2A FAD D . 3.71 -0.53 15.88
O5B FAD D . 6.22 0.36 15.74
C5B FAD D . 6.03 1.04 16.96
C4B FAD D . 7.40 1.41 17.52
O4B FAD D . 7.20 2.40 18.53
C3B FAD D . 8.08 0.22 18.19
O3B FAD D . 9.48 0.37 18.05
C2B FAD D . 7.77 0.44 19.67
O2B FAD D . 8.75 -0.15 20.52
C1B FAD D . 7.79 1.96 19.73
N9A FAD D . 7.10 2.51 20.91
C8A FAD D . 5.74 2.50 21.16
N7A FAD D . 5.54 3.12 22.35
C5A FAD D . 6.74 3.49 22.83
C6A FAD D . 7.09 4.17 24.01
N6A FAD D . 6.16 4.33 24.97
N1A FAD D . 8.42 4.43 24.24
C2A FAD D . 9.40 4.05 23.33
N3A FAD D . 9.04 3.39 22.16
C4A FAD D . 7.72 3.12 21.94
N1 FAD D . 2.11 -1.97 5.07
C2 FAD D . 2.49 -2.20 3.75
O2 FAD D . 3.18 -1.36 3.16
N3 FAD D . 2.12 -3.36 3.11
C4 FAD D . 1.33 -4.30 3.74
O4 FAD D . 1.01 -5.30 3.10
C4X FAD D . 0.94 -4.05 5.08
N5 FAD D . 0.14 -4.95 5.78
C5X FAD D . -0.25 -4.71 7.08
C6 FAD D . -1.08 -5.62 7.74
C7 FAD D . -1.47 -5.36 9.06
C7M FAD D . -2.34 -6.37 9.74
C8 FAD D . -1.06 -4.19 9.72
C8M FAD D . -1.44 -3.86 11.15
C9 FAD D . -0.24 -3.29 9.02
C9A FAD D . 0.16 -3.53 7.72
N10 FAD D . 0.96 -2.63 7.05
C10 FAD D . 1.33 -2.88 5.73
C1' FAD D . 1.41 -1.40 7.76
C2' FAD D . 2.84 -1.62 8.28
O2' FAD D . 3.10 -2.93 8.80
C3' FAD D . 3.19 -0.63 9.40
O3' FAD D . 2.65 0.63 9.09
C4' FAD D . 4.67 -0.43 9.36
O4' FAD D . 5.33 -1.68 9.24
C5' FAD D . 5.17 0.45 10.54
O5' FAD D . 4.34 0.62 11.67
P FAD D . 4.78 1.75 12.78
O1P FAD D . 6.26 1.90 12.75
O2P FAD D . 4.00 3.02 12.56
O3P FAD D . 4.35 1.20 14.23
#